data_1FRG
#
_entry.id   1FRG
#
_cell.length_a   66.600
_cell.length_b   115.100
_cell.length_c   73.300
_cell.angle_alpha   90.00
_cell.angle_beta   90.00
_cell.angle_gamma   90.00
#
_symmetry.space_group_name_H-M   'P 21 21 21'
#
loop_
_entity.id
_entity.type
_entity.pdbx_description
1 polymer 'IGG2A 26/9 FAB (LIGHT CHAIN)'
2 polymer 'IGG2A 26/9 FAB (HEAVY CHAIN)'
3 polymer 'INFLUENZA HEMAGGLUTININ HA1 (STRAIN X47) (RESIDUES 101 - 108)'
4 water water
#
loop_
_entity_poly.entity_id
_entity_poly.type
_entity_poly.pdbx_seq_one_letter_code
_entity_poly.pdbx_strand_id
1 'polypeptide(L)'
;DIVMTQSPSSLTVTAGEKVTMSCKSSQSLFNSGKRKNFLTWYHQKPGQPPKLLIYWASTRESGVPDRFSGSGSGTDFTLT
ITSVQAEDLAIYYCQNDYSHPLTFGAGTKLELKRADAAPTVSIFPPSSEQLTSGGASVVCFLNNFYPKDINVKWKIDGSE
RQNGVLNSWTDQDSKDSTYSMSSTLTLTKDEYERHNSYTCEATHKTSTSPIVKSFNR
;
L
2 'polypeptide(L)'
;EVLLVESGGDLVKPGGFLKLSCAASGFTFSSFGMSWVRHTPDKRLEWVATISNGGGYTYYQDSVKGRFTISRDNAKNTLF
LEMTSLKSEDAGLYYCARRERYDEKGFAYWGRGTLVTVSAAKTTAPSVYPLAPVCGDTTGSSVTLGCLVKGYFPEPVTLT
WNSGSLSSGVHTFPAVLQSDLYTLSSSVTVTSSTWPSQSITCNVAHPASSTKVDKKIEPR
;
H
3 'polypeptide(L)' (ACE)DVPDYASL(NH2) P
#
loop_
_chem_comp.id
_chem_comp.type
_chem_comp.name
_chem_comp.formula
ACE non-polymer 'ACETYL GROUP' 'C2 H4 O'
NH2 non-polymer 'AMINO GROUP' 'H2 N'
#
# COMPACT_ATOMS: atom_id res chain seq x y z
N ASP A 1 6.51 16.31 20.21
CA ASP A 1 6.69 15.98 18.80
C ASP A 1 5.98 17.09 18.09
N ILE A 2 6.22 17.39 16.83
CA ILE A 2 5.38 18.36 16.17
C ILE A 2 4.46 17.43 15.43
N VAL A 3 3.18 17.70 15.41
CA VAL A 3 2.26 16.77 14.81
C VAL A 3 1.78 17.53 13.62
N MET A 4 1.95 16.82 12.48
CA MET A 4 1.67 17.39 11.16
C MET A 4 0.33 16.87 10.64
N THR A 5 -0.69 17.71 10.39
CA THR A 5 -2.00 17.29 9.93
C THR A 5 -2.29 17.61 8.46
N GLN A 6 -2.50 16.57 7.67
CA GLN A 6 -2.77 16.79 6.28
C GLN A 6 -4.18 16.43 5.96
N SER A 7 -4.87 17.50 5.59
CA SER A 7 -6.25 17.44 5.16
C SER A 7 -6.30 17.91 3.71
N PRO A 8 -6.96 17.20 2.83
CA PRO A 8 -7.80 16.09 3.21
C PRO A 8 -7.02 14.82 3.05
N SER A 9 -7.69 13.68 3.18
CA SER A 9 -7.05 12.40 2.95
C SER A 9 -6.97 12.04 1.49
N SER A 10 -7.99 12.43 0.69
CA SER A 10 -8.02 12.19 -0.74
C SER A 10 -8.50 13.44 -1.40
N LEU A 11 -8.03 13.68 -2.62
CA LEU A 11 -8.52 14.77 -3.42
C LEU A 11 -8.89 14.17 -4.77
N THR A 12 -10.06 14.45 -5.36
CA THR A 12 -10.49 13.86 -6.63
C THR A 12 -10.22 15.01 -7.56
N VAL A 13 -9.52 14.80 -8.66
CA VAL A 13 -9.11 15.90 -9.49
C VAL A 13 -9.36 15.58 -10.94
N THR A 14 -9.43 16.59 -11.80
CA THR A 14 -9.33 16.31 -13.22
C THR A 14 -8.21 17.24 -13.69
N ALA A 15 -7.48 16.84 -14.73
CA ALA A 15 -6.33 17.60 -15.19
C ALA A 15 -6.60 19.06 -15.61
N GLY A 16 -5.68 20.01 -15.43
CA GLY A 16 -5.94 21.39 -15.70
C GLY A 16 -6.64 22.04 -14.53
N GLU A 17 -7.15 21.33 -13.51
CA GLU A 17 -7.67 21.98 -12.29
C GLU A 17 -6.56 22.57 -11.41
N LYS A 18 -6.90 23.62 -10.64
CA LYS A 18 -6.02 24.16 -9.61
C LYS A 18 -6.27 23.31 -8.36
N VAL A 19 -5.37 22.59 -7.67
CA VAL A 19 -5.69 21.94 -6.40
C VAL A 19 -4.92 22.61 -5.28
N THR A 20 -5.32 22.37 -4.04
CA THR A 20 -4.72 23.06 -2.92
C THR A 20 -4.84 22.04 -1.82
N MET A 21 -3.80 21.71 -1.09
CA MET A 21 -3.94 20.79 0.04
C MET A 21 -3.21 21.35 1.27
N SER A 22 -3.78 21.12 2.46
CA SER A 22 -3.21 21.58 3.73
C SER A 22 -2.26 20.68 4.49
N CYS A 23 -1.46 21.44 5.23
CA CYS A 23 -0.55 20.83 6.19
C CYS A 23 -0.47 21.68 7.46
N LYS A 24 -0.99 21.29 8.62
CA LYS A 24 -0.84 22.10 9.81
C LYS A 24 0.19 21.45 10.68
N SER A 25 1.04 22.19 11.38
CA SER A 25 1.98 21.59 12.33
C SER A 25 1.64 22.05 13.75
N SER A 26 1.73 21.27 14.84
CA SER A 26 1.39 21.81 16.14
C SER A 26 2.33 22.90 16.61
N GLN A 27 3.59 22.94 16.17
CA GLN A 27 4.46 24.00 16.60
C GLN A 27 4.96 24.69 15.36
N SER A 28 5.27 25.98 15.39
CA SER A 28 5.83 26.67 14.23
C SER A 28 7.11 26.00 13.76
N LEU A 29 7.33 25.95 12.46
CA LEU A 29 8.54 25.33 11.96
C LEU A 29 9.58 26.35 11.60
N PHE A 30 9.41 27.60 12.02
CA PHE A 30 10.34 28.65 11.71
C PHE A 30 11.66 28.45 12.42
N ASN A 31 12.70 28.22 11.64
CA ASN A 31 14.05 28.12 12.15
C ASN A 31 14.65 29.50 12.06
N SER A 32 14.75 30.22 13.18
CA SER A 32 15.33 31.57 13.29
C SER A 32 16.74 31.80 12.75
N GLY A 33 17.54 30.75 12.53
CA GLY A 33 18.92 30.88 12.07
C GLY A 33 19.04 30.99 10.55
N LYS A 34 18.14 30.32 9.85
CA LYS A 34 18.13 30.50 8.41
C LYS A 34 17.04 31.47 8.00
N ARG A 35 16.17 31.83 8.94
CA ARG A 35 14.97 32.61 8.74
C ARG A 35 13.96 31.88 7.86
N LYS A 36 14.12 30.57 7.65
CA LYS A 36 13.19 29.80 6.82
C LYS A 36 12.21 29.00 7.66
N ASN A 37 11.01 28.70 7.16
CA ASN A 37 10.16 27.74 7.85
C ASN A 37 10.66 26.41 7.34
N PHE A 38 10.99 25.46 8.19
CA PHE A 38 11.48 24.16 7.79
C PHE A 38 10.40 23.07 7.60
N LEU A 39 9.59 23.25 6.54
CA LEU A 39 8.59 22.28 6.10
C LEU A 39 8.93 21.75 4.69
N THR A 40 8.91 20.43 4.44
CA THR A 40 9.22 19.94 3.13
C THR A 40 8.09 19.10 2.62
N TRP A 41 7.71 19.38 1.39
CA TRP A 41 6.66 18.68 0.69
C TRP A 41 7.32 17.58 -0.12
N TYR A 42 6.73 16.41 -0.11
CA TYR A 42 7.25 15.28 -0.85
C TYR A 42 6.08 14.63 -1.56
N HIS A 43 6.31 13.90 -2.65
CA HIS A 43 5.22 13.05 -3.10
C HIS A 43 5.80 11.70 -3.46
N GLN A 44 5.06 10.61 -3.55
CA GLN A 44 5.62 9.29 -3.73
C GLN A 44 4.70 8.54 -4.62
N LYS A 45 5.28 7.87 -5.57
CA LYS A 45 4.43 7.14 -6.49
C LYS A 45 4.72 5.70 -6.19
N PRO A 46 3.77 4.78 -6.32
CA PRO A 46 3.92 3.36 -6.03
C PRO A 46 5.15 2.66 -6.58
N GLY A 47 5.86 2.15 -5.59
CA GLY A 47 7.11 1.46 -5.82
C GLY A 47 8.26 2.41 -5.47
N GLN A 48 8.16 3.62 -5.98
CA GLN A 48 9.20 4.57 -5.80
C GLN A 48 9.29 5.23 -4.45
N PRO A 49 10.49 5.71 -4.16
CA PRO A 49 10.79 6.55 -3.01
C PRO A 49 10.10 7.88 -3.12
N PRO A 50 9.94 8.58 -2.02
CA PRO A 50 9.46 9.94 -2.04
C PRO A 50 10.36 10.72 -2.94
N LYS A 51 9.85 11.83 -3.42
CA LYS A 51 10.58 12.73 -4.27
C LYS A 51 10.33 14.04 -3.58
N LEU A 52 11.37 14.85 -3.35
CA LEU A 52 11.29 16.16 -2.73
C LEU A 52 10.79 17.11 -3.76
N LEU A 53 9.79 17.93 -3.40
CA LEU A 53 9.14 18.87 -4.28
C LEU A 53 9.39 20.29 -3.88
N ILE A 54 9.16 20.69 -2.65
CA ILE A 54 9.34 22.08 -2.24
C ILE A 54 9.92 21.93 -0.88
N TYR A 55 10.91 22.71 -0.56
CA TYR A 55 11.43 22.75 0.79
C TYR A 55 11.39 24.19 1.28
N TRP A 56 11.41 24.44 2.58
CA TRP A 56 11.37 25.75 3.23
C TRP A 56 10.09 26.46 2.93
N ALA A 57 9.07 25.62 2.90
CA ALA A 57 7.65 25.95 2.68
C ALA A 57 7.32 26.44 1.27
N SER A 58 8.25 27.03 0.51
CA SER A 58 7.98 27.63 -0.78
C SER A 58 9.08 27.57 -1.80
N THR A 59 10.21 26.94 -1.52
CA THR A 59 11.23 26.97 -2.53
C THR A 59 11.13 25.61 -3.16
N ARG A 60 11.12 25.73 -4.47
CA ARG A 60 10.90 24.65 -5.37
C ARG A 60 12.21 23.99 -5.68
N GLU A 61 12.25 22.67 -5.58
CA GLU A 61 13.45 21.96 -5.93
C GLU A 61 13.65 22.08 -7.43
N SER A 62 14.85 21.76 -7.89
CA SER A 62 15.13 21.83 -9.30
C SER A 62 14.78 20.49 -9.92
N GLY A 63 14.01 20.72 -10.99
CA GLY A 63 13.48 19.63 -11.79
C GLY A 63 12.01 19.43 -11.48
N VAL A 64 11.52 20.14 -10.47
CA VAL A 64 10.15 20.05 -10.11
C VAL A 64 9.49 21.08 -10.97
N PRO A 65 8.49 20.61 -11.69
CA PRO A 65 7.71 21.45 -12.54
C PRO A 65 7.14 22.67 -11.88
N ASP A 66 7.16 23.65 -12.76
CA ASP A 66 6.72 25.01 -12.53
C ASP A 66 5.36 25.06 -11.82
N ARG A 67 4.53 24.00 -11.85
CA ARG A 67 3.18 24.11 -11.32
C ARG A 67 3.06 23.92 -9.84
N PHE A 68 4.11 23.42 -9.21
CA PHE A 68 4.03 23.19 -7.79
C PHE A 68 4.40 24.48 -7.17
N SER A 69 3.56 24.85 -6.27
CA SER A 69 3.82 26.01 -5.46
C SER A 69 3.57 25.60 -4.01
N GLY A 70 4.41 26.09 -3.10
CA GLY A 70 4.17 25.84 -1.69
C GLY A 70 4.07 27.18 -0.98
N SER A 71 3.30 27.35 0.08
CA SER A 71 3.32 28.61 0.81
C SER A 71 2.68 28.44 2.18
N GLY A 72 2.88 29.41 3.05
CA GLY A 72 2.28 29.43 4.37
C GLY A 72 3.40 29.76 5.33
N SER A 73 3.05 29.91 6.59
CA SER A 73 4.00 30.23 7.62
C SER A 73 3.48 29.91 9.02
N GLY A 74 4.45 29.58 9.86
CA GLY A 74 4.11 29.30 11.23
C GLY A 74 3.53 27.92 11.26
N THR A 75 2.21 27.84 11.19
CA THR A 75 1.57 26.54 11.35
C THR A 75 0.73 26.02 10.18
N ASP A 76 0.41 26.89 9.24
CA ASP A 76 -0.44 26.54 8.14
C ASP A 76 0.35 26.78 6.90
N PHE A 77 0.54 25.66 6.26
CA PHE A 77 1.31 25.56 5.06
C PHE A 77 0.39 24.91 4.04
N THR A 78 0.48 25.25 2.77
CA THR A 78 -0.37 24.71 1.73
C THR A 78 0.41 24.49 0.43
N LEU A 79 0.04 23.43 -0.30
CA LEU A 79 0.66 23.10 -1.58
C LEU A 79 -0.38 23.29 -2.69
N THR A 80 -0.03 23.90 -3.82
CA THR A 80 -0.95 24.15 -4.92
C THR A 80 -0.36 23.64 -6.17
N ILE A 81 -1.19 22.99 -6.96
CA ILE A 81 -0.76 22.46 -8.26
C ILE A 81 -1.65 23.26 -9.14
N THR A 82 -1.22 24.20 -9.99
CA THR A 82 -2.23 24.96 -10.69
C THR A 82 -2.92 24.34 -11.87
N SER A 83 -2.31 23.34 -12.50
CA SER A 83 -2.95 22.77 -13.63
C SER A 83 -2.59 21.35 -13.37
N VAL A 84 -3.26 20.63 -12.48
CA VAL A 84 -2.83 19.26 -12.17
C VAL A 84 -2.84 18.44 -13.44
N GLN A 85 -1.82 17.63 -13.62
CA GLN A 85 -1.76 16.87 -14.84
C GLN A 85 -1.79 15.46 -14.39
N ALA A 86 -2.02 14.51 -15.26
CA ALA A 86 -2.19 13.15 -14.81
C ALA A 86 -0.96 12.62 -14.14
N GLU A 87 0.26 12.94 -14.55
CA GLU A 87 1.43 12.43 -13.84
C GLU A 87 1.65 13.06 -12.46
N ASP A 88 0.73 13.85 -11.94
CA ASP A 88 0.85 14.40 -10.61
C ASP A 88 0.12 13.54 -9.60
N LEU A 89 -0.55 12.47 -10.02
CA LEU A 89 -1.31 11.67 -9.08
C LEU A 89 -0.38 10.82 -8.23
N ALA A 90 -0.33 11.10 -6.94
CA ALA A 90 0.54 10.41 -6.02
C ALA A 90 0.02 10.85 -4.68
N ILE A 91 0.68 10.42 -3.60
CA ILE A 91 0.34 10.83 -2.23
C ILE A 91 1.30 11.95 -1.99
N TYR A 92 0.87 13.02 -1.38
CA TYR A 92 1.69 14.16 -1.09
C TYR A 92 1.90 14.19 0.44
N TYR A 93 3.12 14.34 0.98
CA TYR A 93 3.38 14.35 2.40
C TYR A 93 4.18 15.60 2.68
N CYS A 94 3.92 16.18 3.85
CA CYS A 94 4.66 17.32 4.35
C CYS A 94 5.47 16.77 5.49
N GLN A 95 6.58 17.39 5.80
CA GLN A 95 7.46 16.84 6.77
C GLN A 95 7.95 17.99 7.59
N ASN A 96 8.11 17.72 8.86
CA ASN A 96 8.74 18.69 9.74
C ASN A 96 10.20 18.37 9.59
N ASP A 97 11.09 19.30 9.35
CA ASP A 97 12.51 19.00 9.28
C ASP A 97 13.18 20.12 10.07
N TYR A 98 12.44 20.68 11.01
CA TYR A 98 12.92 21.77 11.84
C TYR A 98 13.59 21.25 13.10
N SER A 99 12.97 20.26 13.76
CA SER A 99 13.52 19.68 14.97
C SER A 99 13.16 18.23 15.11
N HIS A 100 14.05 17.51 15.79
CA HIS A 100 13.86 16.09 16.02
C HIS A 100 12.75 15.73 17.05
N PRO A 101 12.01 14.62 16.96
CA PRO A 101 11.92 13.79 15.77
C PRO A 101 11.28 14.47 14.56
N LEU A 102 11.69 13.93 13.41
CA LEU A 102 11.19 14.37 12.13
C LEU A 102 9.91 13.58 11.99
N THR A 103 8.87 14.32 11.71
CA THR A 103 7.53 13.81 11.61
C THR A 103 6.94 14.06 10.23
N PHE A 104 6.24 13.09 9.68
CA PHE A 104 5.62 13.25 8.41
C PHE A 104 4.13 13.28 8.65
N GLY A 105 3.43 14.02 7.82
CA GLY A 105 1.99 13.99 7.81
C GLY A 105 1.56 12.63 7.23
N ALA A 106 0.25 12.38 7.34
CA ALA A 106 -0.32 11.14 6.93
C ALA A 106 -0.40 10.89 5.45
N GLY A 107 -0.43 11.99 4.70
CA GLY A 107 -0.55 11.93 3.26
C GLY A 107 -1.87 12.50 2.76
N THR A 108 -1.87 13.11 1.57
CA THR A 108 -3.11 13.44 0.91
C THR A 108 -2.99 12.70 -0.40
N LYS A 109 -3.92 11.87 -0.73
CA LYS A 109 -3.82 11.08 -1.94
C LYS A 109 -4.57 11.72 -3.10
N LEU A 110 -3.97 11.81 -4.26
CA LEU A 110 -4.66 12.35 -5.41
C LEU A 110 -5.22 11.18 -6.19
N GLU A 111 -6.49 11.35 -6.61
CA GLU A 111 -7.26 10.39 -7.38
C GLU A 111 -7.96 11.13 -8.52
N LEU A 112 -8.32 10.47 -9.61
CA LEU A 112 -8.87 11.20 -10.71
C LEU A 112 -10.38 11.09 -10.81
N LYS A 113 -11.03 12.15 -11.21
CA LYS A 113 -12.46 12.16 -11.40
C LYS A 113 -12.76 11.55 -12.75
N ARG A 114 -13.84 10.80 -12.71
CA ARG A 114 -14.44 10.30 -13.92
C ARG A 114 -15.93 10.22 -13.57
N ALA A 115 -16.68 9.55 -14.42
CA ALA A 115 -18.12 9.49 -14.26
C ALA A 115 -18.49 8.46 -13.21
N ASP A 116 -19.63 8.57 -12.50
CA ASP A 116 -20.02 7.50 -11.60
C ASP A 116 -20.20 6.27 -12.44
N ALA A 117 -20.11 5.12 -11.84
CA ALA A 117 -20.23 3.89 -12.54
C ALA A 117 -20.66 3.05 -11.38
N ALA A 118 -21.57 2.16 -11.59
CA ALA A 118 -22.07 1.37 -10.51
C ALA A 118 -21.44 0.01 -10.73
N PRO A 119 -21.33 -0.84 -9.68
CA PRO A 119 -20.61 -2.08 -9.66
C PRO A 119 -21.18 -3.32 -10.31
N THR A 120 -20.35 -4.07 -11.03
CA THR A 120 -20.75 -5.37 -11.48
C THR A 120 -20.53 -6.39 -10.35
N VAL A 121 -21.59 -6.66 -9.60
CA VAL A 121 -21.58 -7.57 -8.47
C VAL A 121 -21.66 -9.01 -8.97
N SER A 122 -20.90 -10.00 -8.49
CA SER A 122 -20.99 -11.35 -9.00
C SER A 122 -20.72 -12.20 -7.76
N ILE A 123 -21.51 -13.24 -7.42
CA ILE A 123 -21.35 -14.06 -6.21
C ILE A 123 -21.01 -15.54 -6.46
N PHE A 124 -20.25 -16.19 -5.58
CA PHE A 124 -19.75 -17.51 -5.85
C PHE A 124 -19.95 -18.38 -4.65
N PRO A 125 -20.69 -19.48 -4.74
CA PRO A 125 -20.59 -20.65 -3.88
C PRO A 125 -19.16 -21.07 -3.57
N PRO A 126 -18.94 -21.75 -2.46
CA PRO A 126 -17.71 -22.50 -2.20
C PRO A 126 -17.38 -23.51 -3.31
N SER A 127 -16.09 -23.73 -3.58
CA SER A 127 -15.67 -24.70 -4.58
C SER A 127 -15.69 -26.06 -3.89
N SER A 128 -15.86 -27.20 -4.59
CA SER A 128 -15.87 -28.52 -3.98
C SER A 128 -14.59 -28.68 -3.17
N GLU A 129 -13.46 -28.40 -3.82
CA GLU A 129 -12.13 -28.42 -3.25
C GLU A 129 -12.10 -27.92 -1.82
N GLN A 130 -12.70 -26.74 -1.68
CA GLN A 130 -12.71 -26.07 -0.42
C GLN A 130 -13.64 -26.82 0.48
N LEU A 131 -14.84 -27.01 -0.01
CA LEU A 131 -15.88 -27.65 0.76
C LEU A 131 -15.53 -29.04 1.27
N THR A 132 -14.52 -29.65 0.63
CA THR A 132 -13.99 -30.93 1.03
C THR A 132 -13.05 -30.62 2.19
N SER A 133 -12.18 -29.63 2.06
CA SER A 133 -11.20 -29.27 3.08
C SER A 133 -11.79 -28.55 4.31
N GLY A 134 -13.03 -28.87 4.68
CA GLY A 134 -13.63 -28.36 5.89
C GLY A 134 -14.25 -26.98 5.86
N GLY A 135 -14.03 -26.08 4.88
CA GLY A 135 -14.55 -24.74 5.04
C GLY A 135 -15.36 -24.26 3.87
N ALA A 136 -15.93 -23.08 3.96
CA ALA A 136 -16.75 -22.58 2.90
C ALA A 136 -16.55 -21.11 2.75
N SER A 137 -15.99 -20.58 1.64
CA SER A 137 -15.90 -19.15 1.43
C SER A 137 -16.69 -18.82 0.18
N VAL A 138 -17.68 -18.03 0.50
CA VAL A 138 -18.59 -17.53 -0.48
C VAL A 138 -17.94 -16.19 -0.77
N VAL A 139 -17.67 -15.94 -2.03
CA VAL A 139 -16.96 -14.76 -2.51
C VAL A 139 -17.94 -13.98 -3.33
N CYS A 140 -17.71 -12.69 -3.30
CA CYS A 140 -18.55 -11.80 -4.03
C CYS A 140 -17.62 -10.68 -4.46
N PHE A 141 -17.46 -10.48 -5.76
CA PHE A 141 -16.62 -9.46 -6.33
C PHE A 141 -17.55 -8.34 -6.70
N LEU A 142 -17.14 -7.09 -6.59
CA LEU A 142 -17.99 -5.99 -6.95
C LEU A 142 -17.02 -5.21 -7.81
N ASN A 143 -17.09 -5.26 -9.13
CA ASN A 143 -16.08 -4.58 -9.94
C ASN A 143 -16.48 -3.32 -10.70
N ASN A 144 -15.42 -2.61 -11.05
CA ASN A 144 -15.42 -1.43 -11.88
C ASN A 144 -16.44 -0.38 -11.57
N PHE A 145 -16.35 0.22 -10.43
CA PHE A 145 -17.32 1.23 -10.02
C PHE A 145 -16.59 2.47 -9.65
N TYR A 146 -17.34 3.53 -9.55
CA TYR A 146 -16.85 4.81 -9.15
C TYR A 146 -18.09 5.46 -8.54
N PRO A 147 -18.09 6.25 -7.49
CA PRO A 147 -16.97 6.48 -6.60
C PRO A 147 -16.41 5.29 -5.85
N LYS A 148 -15.33 5.57 -5.11
CA LYS A 148 -14.68 4.63 -4.20
C LYS A 148 -15.64 3.98 -3.20
N ASP A 149 -16.53 4.81 -2.69
CA ASP A 149 -17.51 4.41 -1.70
C ASP A 149 -18.52 3.39 -2.14
N ILE A 150 -18.39 2.24 -1.53
CA ILE A 150 -19.33 1.18 -1.68
C ILE A 150 -19.40 0.59 -0.29
N ASN A 151 -20.48 -0.05 0.03
CA ASN A 151 -20.64 -0.64 1.33
C ASN A 151 -21.15 -1.99 1.00
N VAL A 152 -20.75 -3.10 1.58
CA VAL A 152 -21.29 -4.39 1.17
C VAL A 152 -21.77 -5.17 2.39
N LYS A 153 -22.90 -5.84 2.33
CA LYS A 153 -23.53 -6.46 3.47
C LYS A 153 -23.73 -7.90 3.17
N TRP A 154 -23.50 -8.83 4.08
CA TRP A 154 -23.76 -10.23 3.83
C TRP A 154 -24.99 -10.57 4.61
N LYS A 155 -25.72 -11.56 4.14
CA LYS A 155 -26.96 -11.96 4.77
C LYS A 155 -27.05 -13.43 4.51
N ILE A 156 -27.25 -14.27 5.53
CA ILE A 156 -27.42 -15.70 5.36
C ILE A 156 -28.86 -15.86 5.77
N ASP A 157 -29.69 -16.62 5.04
CA ASP A 157 -31.14 -16.78 5.28
C ASP A 157 -31.82 -15.56 5.87
N GLY A 158 -31.64 -14.47 5.17
CA GLY A 158 -32.28 -13.25 5.58
C GLY A 158 -31.59 -12.51 6.70
N SER A 159 -30.81 -13.11 7.59
CA SER A 159 -30.18 -12.27 8.58
C SER A 159 -28.80 -11.77 8.17
N GLU A 160 -28.50 -10.53 8.57
CA GLU A 160 -27.22 -9.88 8.34
C GLU A 160 -26.04 -10.64 8.95
N ARG A 161 -24.88 -10.65 8.33
CA ARG A 161 -23.72 -11.34 8.87
C ARG A 161 -22.53 -10.41 8.90
N GLN A 162 -22.03 -10.34 10.13
CA GLN A 162 -20.88 -9.54 10.52
C GLN A 162 -19.50 -10.21 10.42
N ASN A 163 -19.40 -11.37 11.06
CA ASN A 163 -18.13 -12.01 11.34
C ASN A 163 -17.86 -13.01 10.28
N GLY A 164 -16.62 -13.18 9.90
CA GLY A 164 -16.29 -14.13 8.88
C GLY A 164 -16.03 -13.41 7.60
N VAL A 165 -16.19 -12.10 7.62
CA VAL A 165 -16.07 -11.29 6.43
C VAL A 165 -14.68 -10.63 6.33
N LEU A 166 -13.90 -10.98 5.28
CA LEU A 166 -12.62 -10.38 4.92
C LEU A 166 -12.84 -9.64 3.60
N ASN A 167 -12.63 -8.32 3.49
CA ASN A 167 -12.83 -7.56 2.27
C ASN A 167 -11.48 -7.06 1.81
N SER A 168 -11.29 -6.73 0.54
CA SER A 168 -10.03 -6.22 0.02
C SER A 168 -10.41 -5.42 -1.20
N TRP A 169 -9.89 -4.20 -1.31
CA TRP A 169 -10.25 -3.27 -2.35
C TRP A 169 -9.02 -2.91 -3.20
N THR A 170 -9.22 -2.82 -4.51
CA THR A 170 -8.22 -2.42 -5.48
C THR A 170 -8.03 -0.92 -5.29
N ASP A 171 -6.93 -0.41 -5.82
CA ASP A 171 -6.77 1.02 -5.88
C ASP A 171 -7.34 1.53 -7.20
N GLN A 172 -7.38 2.83 -7.51
CA GLN A 172 -8.00 3.29 -8.75
C GLN A 172 -7.28 2.77 -9.97
N ASP A 173 -7.97 2.02 -10.84
CA ASP A 173 -7.35 1.48 -12.04
C ASP A 173 -6.92 2.61 -12.98
N SER A 174 -5.85 2.37 -13.73
CA SER A 174 -5.13 3.29 -14.61
C SER A 174 -5.74 3.48 -15.99
N LYS A 175 -6.31 2.38 -16.46
CA LYS A 175 -7.07 2.43 -17.68
C LYS A 175 -8.39 3.18 -17.47
N ASP A 176 -9.23 2.84 -16.52
CA ASP A 176 -10.54 3.47 -16.49
C ASP A 176 -10.96 4.18 -15.22
N SER A 177 -10.02 4.33 -14.31
CA SER A 177 -10.28 4.99 -13.05
C SER A 177 -11.36 4.41 -12.15
N THR A 178 -11.62 3.12 -12.22
CA THR A 178 -12.65 2.50 -11.43
C THR A 178 -12.08 1.53 -10.43
N TYR A 179 -12.69 1.53 -9.26
CA TYR A 179 -12.26 0.65 -8.21
C TYR A 179 -12.93 -0.70 -8.35
N SER A 180 -12.46 -1.67 -7.59
CA SER A 180 -13.10 -2.96 -7.45
C SER A 180 -12.89 -3.41 -6.00
N MET A 181 -13.62 -4.37 -5.49
CA MET A 181 -13.31 -4.89 -4.19
C MET A 181 -13.79 -6.34 -4.13
N SER A 182 -13.21 -7.27 -3.36
CA SER A 182 -13.81 -8.56 -3.15
C SER A 182 -14.24 -8.55 -1.72
N SER A 183 -15.39 -9.14 -1.43
CA SER A 183 -15.82 -9.44 -0.09
C SER A 183 -15.88 -10.97 -0.05
N THR A 184 -15.23 -11.69 0.88
CA THR A 184 -15.22 -13.15 1.00
C THR A 184 -15.74 -13.43 2.38
N LEU A 185 -16.69 -14.34 2.54
CA LEU A 185 -17.27 -14.63 3.82
C LEU A 185 -16.88 -16.06 4.11
N THR A 186 -16.15 -16.40 5.19
CA THR A 186 -15.82 -17.79 5.36
C THR A 186 -16.71 -18.36 6.46
N LEU A 187 -17.09 -19.64 6.35
CA LEU A 187 -17.92 -20.34 7.31
C LEU A 187 -17.41 -21.78 7.32
N THR A 188 -17.95 -22.71 8.12
CA THR A 188 -17.46 -24.09 8.07
C THR A 188 -18.34 -24.90 7.10
N LYS A 189 -17.90 -26.04 6.54
CA LYS A 189 -18.68 -26.90 5.63
C LYS A 189 -20.09 -27.07 6.16
N ASP A 190 -20.05 -27.43 7.44
CA ASP A 190 -21.16 -27.60 8.38
C ASP A 190 -21.99 -26.35 8.57
N GLU A 191 -21.44 -25.19 8.86
CA GLU A 191 -22.26 -24.01 9.07
C GLU A 191 -22.97 -23.58 7.81
N TYR A 192 -22.24 -23.78 6.73
CA TYR A 192 -22.73 -23.51 5.42
C TYR A 192 -23.73 -24.60 5.10
N GLU A 193 -23.54 -25.81 5.60
CA GLU A 193 -24.41 -26.92 5.29
C GLU A 193 -25.76 -26.84 5.94
N ARG A 194 -26.01 -25.87 6.79
CA ARG A 194 -27.29 -25.87 7.44
C ARG A 194 -28.06 -24.61 7.17
N HIS A 195 -27.77 -23.99 6.02
CA HIS A 195 -28.38 -22.75 5.58
C HIS A 195 -28.56 -22.74 4.06
N ASN A 196 -29.50 -21.99 3.52
CA ASN A 196 -29.63 -21.86 2.07
C ASN A 196 -29.74 -20.35 1.85
N SER A 197 -29.73 -19.86 0.62
CA SER A 197 -29.83 -18.44 0.36
C SER A 197 -28.75 -17.59 1.02
N TYR A 198 -27.73 -17.34 0.22
CA TYR A 198 -26.60 -16.49 0.59
C TYR A 198 -26.72 -15.27 -0.28
N THR A 199 -26.52 -14.09 0.25
CA THR A 199 -26.82 -12.87 -0.44
C THR A 199 -25.70 -12.00 -0.07
N CYS A 200 -25.39 -11.13 -0.98
CA CYS A 200 -24.29 -10.23 -0.92
C CYS A 200 -24.97 -8.97 -1.38
N GLU A 201 -24.90 -7.88 -0.67
CA GLU A 201 -25.74 -6.76 -0.99
C GLU A 201 -24.91 -5.53 -1.07
N ALA A 202 -24.74 -4.86 -2.18
CA ALA A 202 -23.91 -3.69 -2.22
C ALA A 202 -24.76 -2.45 -2.12
N THR A 203 -24.27 -1.40 -1.51
CA THR A 203 -24.98 -0.15 -1.41
C THR A 203 -24.00 0.89 -1.96
N HIS A 204 -24.28 1.62 -3.07
CA HIS A 204 -23.32 2.51 -3.72
C HIS A 204 -24.05 3.75 -4.16
N LYS A 205 -23.34 4.87 -4.28
CA LYS A 205 -23.85 6.20 -4.68
C LYS A 205 -24.88 6.22 -5.80
N THR A 206 -24.50 5.44 -6.78
CA THR A 206 -25.28 5.30 -7.97
C THR A 206 -26.64 4.65 -7.72
N SER A 207 -27.05 4.34 -6.49
CA SER A 207 -28.32 3.70 -6.24
C SER A 207 -28.82 3.85 -4.80
N THR A 208 -30.14 3.98 -4.84
CA THR A 208 -30.97 4.15 -3.69
C THR A 208 -31.21 2.77 -3.05
N SER A 209 -31.43 1.79 -3.90
CA SER A 209 -31.54 0.44 -3.43
C SER A 209 -30.23 -0.30 -3.57
N PRO A 210 -30.09 -1.35 -2.76
CA PRO A 210 -29.05 -2.34 -2.89
C PRO A 210 -29.00 -3.13 -4.15
N ILE A 211 -27.78 -3.41 -4.57
CA ILE A 211 -27.58 -4.32 -5.67
C ILE A 211 -27.57 -5.61 -4.87
N VAL A 212 -28.60 -6.41 -4.95
CA VAL A 212 -28.68 -7.65 -4.23
C VAL A 212 -28.28 -8.81 -5.11
N LYS A 213 -27.37 -9.71 -4.73
CA LYS A 213 -27.06 -10.89 -5.52
C LYS A 213 -27.15 -12.07 -4.60
N SER A 214 -27.85 -13.14 -4.99
CA SER A 214 -28.09 -14.32 -4.19
C SER A 214 -27.87 -15.59 -4.95
N PHE A 215 -27.72 -16.69 -4.20
CA PHE A 215 -27.65 -18.04 -4.72
C PHE A 215 -28.37 -18.94 -3.70
N ASN A 216 -28.90 -20.12 -3.98
CA ASN A 216 -29.70 -20.82 -2.97
C ASN A 216 -28.91 -21.93 -2.31
N ARG A 217 -28.39 -22.82 -3.18
CA ARG A 217 -27.61 -24.03 -2.96
C ARG A 217 -28.44 -25.06 -3.75
N GLU B 1 26.51 10.42 -10.14
CA GLU B 1 25.27 10.92 -9.58
C GLU B 1 25.22 10.31 -8.19
N VAL B 2 24.45 10.82 -7.22
CA VAL B 2 24.40 10.24 -5.88
C VAL B 2 23.72 8.87 -5.91
N LEU B 3 24.09 7.78 -5.25
CA LEU B 3 23.34 6.55 -5.35
C LEU B 3 23.23 6.00 -3.94
N LEU B 4 22.09 5.47 -3.44
CA LEU B 4 22.03 4.86 -2.11
C LEU B 4 21.30 3.55 -2.35
N VAL B 5 21.95 2.46 -1.97
CA VAL B 5 21.50 1.10 -2.20
C VAL B 5 21.51 0.29 -0.92
N GLU B 6 20.29 -0.05 -0.53
CA GLU B 6 19.99 -0.78 0.68
C GLU B 6 20.14 -2.29 0.55
N SER B 7 20.43 -2.99 1.62
CA SER B 7 20.57 -4.43 1.66
C SER B 7 20.21 -4.82 3.06
N GLY B 8 19.78 -6.08 3.26
CA GLY B 8 19.60 -6.63 4.58
C GLY B 8 18.19 -6.97 4.99
N GLY B 9 17.16 -6.45 4.35
CA GLY B 9 15.81 -6.77 4.77
C GLY B 9 15.51 -8.21 4.45
N ASP B 10 14.76 -8.81 5.38
CA ASP B 10 14.41 -10.20 5.35
C ASP B 10 13.35 -10.42 6.39
N LEU B 11 12.82 -11.63 6.47
CA LEU B 11 11.76 -12.03 7.37
C LEU B 11 12.39 -12.49 8.68
N VAL B 12 12.02 -11.79 9.73
CA VAL B 12 12.62 -11.97 11.00
C VAL B 12 11.53 -12.34 11.95
N LYS B 13 11.85 -13.16 12.91
CA LYS B 13 10.82 -13.55 13.86
C LYS B 13 10.90 -12.51 14.94
N PRO B 14 9.81 -12.15 15.62
CA PRO B 14 9.81 -11.02 16.51
C PRO B 14 10.75 -11.38 17.67
N GLY B 15 11.35 -10.32 18.21
CA GLY B 15 12.35 -10.43 19.26
C GLY B 15 13.76 -10.50 18.67
N GLY B 16 13.95 -11.12 17.51
CA GLY B 16 15.27 -11.25 16.90
C GLY B 16 15.94 -9.95 16.46
N PHE B 17 16.95 -10.12 15.61
CA PHE B 17 17.71 -8.99 15.12
C PHE B 17 17.98 -9.11 13.63
N LEU B 18 18.24 -7.99 12.96
CA LEU B 18 18.54 -7.92 11.54
C LEU B 18 19.47 -6.73 11.48
N LYS B 19 20.30 -6.60 10.46
CA LYS B 19 21.19 -5.46 10.34
C LYS B 19 21.13 -5.11 8.87
N LEU B 20 20.77 -3.86 8.57
CA LEU B 20 20.64 -3.33 7.20
C LEU B 20 21.87 -2.50 6.84
N SER B 21 22.10 -2.30 5.52
CA SER B 21 23.26 -1.62 4.94
C SER B 21 22.73 -0.70 3.90
N CYS B 22 23.39 0.42 3.71
CA CYS B 22 23.06 1.30 2.62
C CYS B 22 24.39 1.78 2.05
N ALA B 23 24.50 1.79 0.71
CA ALA B 23 25.76 2.05 0.07
C ALA B 23 25.78 3.25 -0.85
N ALA B 24 26.63 4.21 -0.42
CA ALA B 24 26.66 5.50 -1.02
C ALA B 24 27.66 5.84 -2.11
N SER B 25 27.19 5.97 -3.34
CA SER B 25 28.08 6.37 -4.41
C SER B 25 27.75 7.79 -4.83
N GLY B 26 28.83 8.39 -5.33
CA GLY B 26 28.72 9.58 -6.12
C GLY B 26 28.60 10.84 -5.36
N PHE B 27 29.11 10.79 -4.11
CA PHE B 27 29.30 11.97 -3.25
C PHE B 27 30.33 11.59 -2.16
N THR B 28 30.84 12.65 -1.51
CA THR B 28 31.82 12.52 -0.44
C THR B 28 31.01 12.15 0.79
N PHE B 29 30.85 10.82 0.93
CA PHE B 29 30.08 10.23 2.00
C PHE B 29 30.29 10.89 3.34
N SER B 30 31.58 11.02 3.59
CA SER B 30 32.18 11.63 4.76
C SER B 30 31.68 13.02 5.10
N SER B 31 31.28 13.82 4.13
CA SER B 31 30.82 15.15 4.43
C SER B 31 29.39 15.18 4.86
N PHE B 32 28.63 14.08 4.75
CA PHE B 32 27.22 14.18 4.98
C PHE B 32 26.68 13.26 6.00
N GLY B 33 25.74 13.79 6.76
CA GLY B 33 25.02 12.93 7.68
C GLY B 33 24.07 12.02 6.88
N MET B 34 23.53 10.94 7.47
CA MET B 34 22.59 10.05 6.80
C MET B 34 21.43 9.61 7.72
N SER B 35 20.23 9.26 7.27
CA SER B 35 19.12 8.82 8.12
C SER B 35 18.49 7.55 7.59
N TRP B 36 17.70 6.87 8.43
CA TRP B 36 16.92 5.75 7.94
C TRP B 36 15.50 6.21 8.25
N VAL B 37 14.73 6.18 7.17
CA VAL B 37 13.31 6.54 7.12
C VAL B 37 12.63 5.26 6.75
N ARG B 38 11.49 4.99 7.32
CA ARG B 38 10.78 3.74 7.20
C ARG B 38 9.43 3.98 6.55
N HIS B 39 8.96 3.03 5.74
CA HIS B 39 7.69 3.18 5.05
C HIS B 39 6.88 2.01 5.50
N THR B 40 5.89 2.36 6.28
CA THR B 40 5.09 1.37 6.97
C THR B 40 4.09 0.74 6.02
N PRO B 41 3.57 -0.42 6.34
CA PRO B 41 2.50 -1.06 5.59
C PRO B 41 1.26 -0.18 5.45
N ASP B 42 0.97 0.62 6.48
CA ASP B 42 -0.15 1.54 6.45
C ASP B 42 0.20 2.77 5.64
N LYS B 43 1.21 2.68 4.78
CA LYS B 43 1.70 3.70 3.91
C LYS B 43 2.36 4.89 4.56
N ARG B 44 2.26 5.06 5.86
CA ARG B 44 2.93 6.12 6.57
C ARG B 44 4.46 6.09 6.38
N LEU B 45 5.07 7.25 6.49
CA LEU B 45 6.51 7.39 6.52
C LEU B 45 6.93 7.65 7.98
N GLU B 46 8.02 7.08 8.46
CA GLU B 46 8.45 7.27 9.83
C GLU B 46 9.94 7.56 9.81
N TRP B 47 10.47 8.64 10.36
CA TRP B 47 11.90 8.74 10.53
C TRP B 47 12.29 7.72 11.60
N VAL B 48 13.32 6.91 11.40
CA VAL B 48 13.80 5.99 12.38
C VAL B 48 15.04 6.48 13.12
N ALA B 49 16.14 6.93 12.52
CA ALA B 49 17.39 7.30 13.16
C ALA B 49 18.22 8.22 12.28
N THR B 50 19.12 9.10 12.80
CA THR B 50 20.06 9.89 12.01
C THR B 50 21.45 9.67 12.58
N ILE B 51 22.50 9.71 11.76
CA ILE B 51 23.84 9.72 12.25
C ILE B 51 24.48 10.94 11.61
N SER B 52 25.29 11.76 12.30
CA SER B 52 25.97 12.94 11.75
C SER B 52 27.13 12.55 10.86
N ASN B 53 27.75 13.41 10.07
CA ASN B 53 28.83 12.99 9.18
C ASN B 53 30.06 12.35 9.77
N GLY B 54 30.31 12.40 11.08
CA GLY B 54 31.51 11.80 11.63
C GLY B 54 31.20 10.60 12.48
N GLY B 55 29.97 10.56 12.97
CA GLY B 55 29.53 9.38 13.67
C GLY B 55 29.33 9.56 15.15
N GLY B 56 29.37 10.80 15.63
CA GLY B 56 29.37 11.00 17.07
C GLY B 56 28.16 11.70 17.63
N TYR B 57 27.14 11.78 16.79
CA TYR B 57 25.86 12.31 17.19
C TYR B 57 24.91 11.33 16.50
N THR B 58 24.00 10.68 17.24
CA THR B 58 23.09 9.73 16.64
C THR B 58 21.74 10.07 17.24
N TYR B 59 20.74 10.22 16.40
CA TYR B 59 19.45 10.71 16.83
C TYR B 59 18.49 9.55 16.61
N TYR B 60 17.58 9.18 17.52
CA TYR B 60 16.73 8.02 17.31
C TYR B 60 15.29 8.33 17.49
N GLN B 61 14.43 7.68 16.74
CA GLN B 61 13.01 7.90 16.91
C GLN B 61 12.74 7.21 18.25
N ASP B 62 12.04 7.87 19.16
CA ASP B 62 11.78 7.32 20.48
C ASP B 62 11.30 5.89 20.53
N SER B 63 10.64 5.31 19.52
CA SER B 63 10.21 3.90 19.53
C SER B 63 11.25 2.83 19.20
N VAL B 64 12.42 3.37 18.83
CA VAL B 64 13.59 2.71 18.26
C VAL B 64 14.79 2.83 19.21
N LYS B 65 14.80 3.93 19.98
CA LYS B 65 15.80 4.25 20.96
C LYS B 65 15.91 3.05 21.86
N GLY B 66 17.14 2.71 22.23
CA GLY B 66 17.31 1.52 23.01
C GLY B 66 17.53 0.37 22.06
N ARG B 67 16.62 0.01 21.14
CA ARG B 67 16.74 -1.19 20.28
C ARG B 67 17.57 -1.17 18.98
N PHE B 68 17.61 -0.04 18.30
CA PHE B 68 18.29 0.05 17.02
C PHE B 68 19.55 0.87 17.24
N THR B 69 20.50 0.73 16.33
CA THR B 69 21.77 1.42 16.41
C THR B 69 22.29 1.73 15.00
N ILE B 70 22.42 3.01 14.68
CA ILE B 70 22.89 3.43 13.37
C ILE B 70 24.42 3.67 13.37
N SER B 71 25.20 3.04 12.52
CA SER B 71 26.65 3.18 12.44
C SER B 71 26.88 3.61 10.99
N ARG B 72 28.09 3.96 10.64
CA ARG B 72 28.50 4.24 9.28
C ARG B 72 29.98 3.91 9.31
N ASP B 73 30.56 3.70 8.17
CA ASP B 73 31.94 3.32 8.12
C ASP B 73 32.40 4.25 7.03
N ASN B 74 32.80 5.49 7.33
CA ASN B 74 33.18 6.45 6.27
C ASN B 74 34.25 6.07 5.27
N ALA B 75 34.95 4.98 5.64
CA ALA B 75 35.98 4.35 4.84
C ALA B 75 35.45 3.53 3.68
N LYS B 76 34.40 2.72 3.97
CA LYS B 76 33.74 1.83 3.01
C LYS B 76 32.45 2.39 2.43
N ASN B 77 32.17 3.67 2.68
CA ASN B 77 31.01 4.33 2.16
C ASN B 77 29.73 3.56 2.42
N THR B 78 29.53 3.17 3.65
CA THR B 78 28.39 2.37 4.07
C THR B 78 27.86 2.88 5.39
N LEU B 79 26.53 2.85 5.44
CA LEU B 79 25.77 3.25 6.61
C LEU B 79 25.10 1.95 7.02
N PHE B 80 24.81 1.77 8.29
CA PHE B 80 24.26 0.55 8.82
C PHE B 80 23.18 0.88 9.79
N LEU B 81 22.34 -0.09 10.07
CA LEU B 81 21.40 0.01 11.16
C LEU B 81 21.30 -1.42 11.69
N GLU B 82 21.81 -1.69 12.90
CA GLU B 82 21.66 -2.99 13.57
C GLU B 82 20.36 -2.82 14.32
N MET B 83 19.46 -3.79 14.24
CA MET B 83 18.13 -3.62 14.79
C MET B 83 17.93 -4.81 15.67
N THR B 84 17.57 -4.63 16.94
CA THR B 84 17.32 -5.78 17.80
C THR B 84 15.95 -5.66 18.45
N SER B 85 15.44 -6.81 18.89
CA SER B 85 14.16 -6.96 19.57
C SER B 85 12.97 -6.36 18.80
N LEU B 86 12.92 -6.89 17.59
CA LEU B 86 11.94 -6.45 16.62
C LEU B 86 10.53 -6.85 16.95
N LYS B 87 9.81 -5.79 17.18
CA LYS B 87 8.41 -5.88 17.34
C LYS B 87 7.80 -5.99 15.95
N SER B 88 6.60 -6.55 15.86
CA SER B 88 5.85 -6.61 14.62
C SER B 88 5.62 -5.23 14.06
N GLU B 89 5.39 -4.23 14.90
CA GLU B 89 5.20 -2.89 14.39
C GLU B 89 6.44 -2.20 13.78
N ASP B 90 7.52 -2.97 13.51
CA ASP B 90 8.76 -2.48 12.91
C ASP B 90 8.87 -2.92 11.47
N ALA B 91 7.97 -3.76 10.96
CA ALA B 91 8.02 -4.20 9.59
C ALA B 91 7.79 -3.00 8.66
N GLY B 92 8.36 -3.09 7.45
CA GLY B 92 8.26 -1.97 6.55
C GLY B 92 9.40 -2.00 5.60
N LEU B 93 9.42 -1.03 4.73
CA LEU B 93 10.48 -0.87 3.78
C LEU B 93 11.33 0.24 4.38
N TYR B 94 12.61 -0.04 4.51
CA TYR B 94 13.54 0.89 5.10
C TYR B 94 14.33 1.57 4.01
N TYR B 95 14.37 2.88 4.03
CA TYR B 95 15.05 3.71 3.06
C TYR B 95 16.23 4.43 3.74
N CYS B 96 17.50 4.42 3.28
CA CYS B 96 18.45 5.40 3.81
C CYS B 96 18.33 6.58 2.89
N ALA B 97 18.38 7.76 3.49
CA ALA B 97 18.26 8.98 2.73
C ALA B 97 19.36 9.84 3.26
N ARG B 98 19.91 10.61 2.35
CA ARG B 98 20.96 11.53 2.69
C ARG B 98 20.43 12.75 3.37
N ARG B 99 21.26 13.20 4.31
CA ARG B 99 20.95 14.36 5.08
C ARG B 99 21.66 15.56 4.47
N GLU B 100 20.88 16.60 4.12
CA GLU B 100 21.45 17.74 3.42
C GLU B 100 22.23 18.77 4.21
N ARG B 101 23.44 18.40 4.52
CA ARG B 101 24.29 19.20 5.38
C ARG B 101 24.54 20.64 4.97
N TYR B 102 24.68 20.92 3.69
CA TYR B 102 24.94 22.29 3.35
C TYR B 102 23.65 22.95 3.00
N ASP B 103 22.68 22.31 2.32
CA ASP B 103 21.45 23.00 1.94
C ASP B 103 20.27 23.06 2.88
N GLU B 104 20.34 22.22 3.91
CA GLU B 104 19.36 22.10 4.98
C GLU B 104 17.93 22.10 4.45
N LYS B 105 17.74 21.26 3.43
CA LYS B 105 16.49 21.23 2.73
C LYS B 105 15.60 20.01 2.85
N GLY B 106 15.84 19.00 3.66
CA GLY B 106 15.01 17.83 3.72
C GLY B 106 15.78 16.69 3.10
N PHE B 107 15.06 15.60 2.83
CA PHE B 107 15.61 14.42 2.16
C PHE B 107 15.48 14.50 0.64
N ALA B 108 16.57 14.93 0.01
CA ALA B 108 16.58 14.98 -1.43
C ALA B 108 17.12 13.68 -1.97
N TYR B 109 17.92 12.83 -1.30
CA TYR B 109 18.42 11.65 -1.96
C TYR B 109 17.99 10.46 -1.20
N TRP B 110 17.21 9.66 -1.87
CA TRP B 110 16.67 8.48 -1.26
C TRP B 110 17.24 7.26 -1.93
N GLY B 111 17.19 6.14 -1.23
CA GLY B 111 17.67 4.89 -1.76
C GLY B 111 16.49 4.16 -2.36
N ARG B 112 16.63 2.86 -2.59
CA ARG B 112 15.55 2.12 -3.17
C ARG B 112 14.66 1.45 -2.15
N GLY B 113 15.16 1.04 -0.99
CA GLY B 113 14.34 0.40 0.03
C GLY B 113 14.73 -1.04 0.36
N THR B 114 14.80 -1.51 1.60
CA THR B 114 15.01 -2.92 1.82
C THR B 114 13.82 -3.31 2.70
N LEU B 115 13.18 -4.44 2.43
CA LEU B 115 12.01 -4.75 3.17
C LEU B 115 12.27 -5.70 4.34
N VAL B 116 11.88 -5.20 5.51
CA VAL B 116 11.91 -5.94 6.74
C VAL B 116 10.51 -6.43 7.03
N THR B 117 10.30 -7.72 7.23
CA THR B 117 9.02 -8.29 7.63
C THR B 117 9.26 -8.87 9.02
N VAL B 118 8.37 -8.76 10.01
CA VAL B 118 8.54 -9.32 11.36
C VAL B 118 7.29 -10.12 11.69
N SER B 119 7.41 -11.45 11.77
CA SER B 119 6.36 -12.35 12.22
C SER B 119 6.97 -13.71 12.50
N ALA B 120 6.25 -14.29 13.46
CA ALA B 120 6.53 -15.58 14.02
C ALA B 120 5.87 -16.70 13.23
N ALA B 121 5.16 -16.30 12.20
CA ALA B 121 4.41 -17.22 11.38
C ALA B 121 5.36 -18.16 10.67
N LYS B 122 4.77 -19.25 10.29
CA LYS B 122 5.51 -20.30 9.64
C LYS B 122 5.21 -20.26 8.16
N THR B 123 6.13 -20.68 7.31
CA THR B 123 5.87 -20.66 5.89
C THR B 123 4.81 -21.67 5.52
N THR B 124 3.60 -21.20 5.29
CA THR B 124 2.51 -22.06 4.88
C THR B 124 2.24 -21.84 3.38
N ALA B 125 2.00 -22.91 2.64
CA ALA B 125 1.72 -22.85 1.20
C ALA B 125 0.21 -22.75 0.94
N PRO B 126 -0.24 -22.01 -0.08
CA PRO B 126 -1.63 -21.67 -0.30
C PRO B 126 -2.53 -22.84 -0.68
N SER B 127 -3.83 -22.56 -0.53
CA SER B 127 -4.88 -23.39 -1.10
C SER B 127 -5.46 -22.50 -2.20
N VAL B 128 -5.44 -23.00 -3.43
CA VAL B 128 -5.98 -22.30 -4.58
C VAL B 128 -7.36 -22.92 -4.83
N TYR B 129 -8.40 -22.15 -4.72
CA TYR B 129 -9.76 -22.61 -4.93
C TYR B 129 -10.27 -21.94 -6.18
N PRO B 130 -10.83 -22.68 -7.12
CA PRO B 130 -11.47 -22.16 -8.33
C PRO B 130 -12.83 -21.58 -8.07
N LEU B 131 -13.10 -20.36 -8.50
CA LEU B 131 -14.40 -19.79 -8.31
C LEU B 131 -15.16 -19.59 -9.60
N ALA B 132 -15.99 -20.58 -9.84
CA ALA B 132 -16.82 -20.58 -11.02
C ALA B 132 -18.22 -20.16 -10.60
N PRO B 133 -19.02 -19.56 -11.47
CA PRO B 133 -20.36 -19.12 -11.18
C PRO B 133 -21.43 -20.20 -11.10
N VAL B 134 -22.66 -19.70 -10.89
CA VAL B 134 -23.88 -20.52 -10.97
C VAL B 134 -24.57 -20.33 -12.33
N CYS B 135 -24.50 -19.08 -12.80
CA CYS B 135 -24.98 -18.57 -14.09
C CYS B 135 -24.18 -17.29 -14.29
N GLY B 136 -23.88 -16.93 -15.54
CA GLY B 136 -23.31 -15.61 -15.79
C GLY B 136 -24.44 -14.59 -15.57
N ASP B 137 -24.26 -13.27 -15.77
CA ASP B 137 -25.36 -12.35 -15.58
C ASP B 137 -26.29 -12.64 -16.77
N THR B 138 -27.26 -13.53 -16.47
CA THR B 138 -28.29 -14.09 -17.37
C THR B 138 -27.85 -14.75 -18.66
N THR B 139 -26.76 -15.48 -18.42
CA THR B 139 -26.03 -16.19 -19.46
C THR B 139 -25.59 -15.18 -20.54
N GLY B 140 -25.59 -13.89 -20.19
CA GLY B 140 -25.38 -12.81 -21.12
C GLY B 140 -23.95 -12.68 -21.55
N SER B 141 -23.73 -11.58 -22.25
CA SER B 141 -22.48 -11.22 -22.85
C SER B 141 -21.16 -11.58 -22.15
N SER B 142 -21.09 -11.54 -20.82
CA SER B 142 -19.87 -11.82 -20.10
C SER B 142 -20.16 -12.77 -18.96
N VAL B 143 -19.03 -13.35 -18.53
CA VAL B 143 -18.93 -14.29 -17.45
C VAL B 143 -17.61 -13.96 -16.74
N THR B 144 -17.82 -13.76 -15.45
CA THR B 144 -16.77 -13.34 -14.53
C THR B 144 -16.54 -14.55 -13.66
N LEU B 145 -15.28 -14.91 -13.66
CA LEU B 145 -14.79 -16.04 -12.91
C LEU B 145 -13.77 -15.48 -11.93
N GLY B 146 -13.33 -16.30 -11.01
CA GLY B 146 -12.31 -15.87 -10.10
C GLY B 146 -11.59 -17.09 -9.56
N CYS B 147 -10.48 -16.82 -8.86
CA CYS B 147 -9.66 -17.83 -8.22
C CYS B 147 -9.30 -17.33 -6.83
N LEU B 148 -9.29 -18.18 -5.80
CA LEU B 148 -9.17 -17.75 -4.42
C LEU B 148 -7.90 -18.35 -3.89
N VAL B 149 -6.92 -17.58 -3.43
CA VAL B 149 -5.72 -18.15 -2.86
C VAL B 149 -5.84 -17.96 -1.36
N LYS B 150 -6.29 -18.95 -0.62
CA LYS B 150 -6.49 -18.81 0.82
C LYS B 150 -5.33 -19.32 1.69
N GLY B 151 -4.95 -18.56 2.73
CA GLY B 151 -4.01 -18.96 3.76
C GLY B 151 -2.56 -19.27 3.38
N TYR B 152 -1.76 -18.34 2.90
CA TYR B 152 -0.38 -18.66 2.62
C TYR B 152 0.49 -17.74 3.45
N PHE B 153 1.76 -18.03 3.53
CA PHE B 153 2.71 -17.21 4.25
C PHE B 153 4.01 -17.63 3.64
N PRO B 154 4.99 -16.81 3.34
CA PRO B 154 4.79 -15.36 3.30
C PRO B 154 4.22 -14.90 1.97
N GLU B 155 4.08 -13.59 1.93
CA GLU B 155 3.70 -12.88 0.73
C GLU B 155 4.96 -12.96 -0.15
N PRO B 156 5.04 -12.97 -1.48
CA PRO B 156 3.93 -13.07 -2.40
C PRO B 156 3.65 -14.42 -3.06
N VAL B 157 2.58 -14.27 -3.85
CA VAL B 157 2.03 -15.21 -4.80
C VAL B 157 2.02 -14.38 -6.08
N THR B 158 2.02 -15.08 -7.22
CA THR B 158 1.76 -14.43 -8.50
C THR B 158 0.66 -15.26 -9.14
N LEU B 159 -0.39 -14.55 -9.46
CA LEU B 159 -1.57 -15.19 -10.01
C LEU B 159 -1.62 -14.66 -11.43
N THR B 160 -1.75 -15.56 -12.40
CA THR B 160 -2.02 -15.16 -13.78
C THR B 160 -3.14 -16.06 -14.25
N TRP B 161 -3.74 -15.74 -15.39
CA TRP B 161 -4.83 -16.55 -15.90
C TRP B 161 -4.35 -17.02 -17.22
N ASN B 162 -4.36 -18.35 -17.36
CA ASN B 162 -3.99 -19.04 -18.60
C ASN B 162 -2.58 -18.62 -18.89
N SER B 163 -1.77 -18.98 -17.92
CA SER B 163 -0.33 -18.79 -17.96
C SER B 163 0.19 -17.36 -18.13
N GLY B 164 -0.64 -16.37 -18.48
CA GLY B 164 -0.21 -15.01 -18.71
C GLY B 164 -0.98 -14.43 -19.88
N SER B 165 -1.59 -15.30 -20.71
CA SER B 165 -2.35 -14.96 -21.91
C SER B 165 -3.47 -13.95 -21.69
N LEU B 166 -4.17 -14.20 -20.58
CA LEU B 166 -5.32 -13.44 -20.21
C LEU B 166 -4.88 -12.38 -19.19
N SER B 167 -4.92 -11.14 -19.66
CA SER B 167 -4.48 -10.03 -18.86
C SER B 167 -5.46 -8.87 -18.80
N SER B 168 -6.44 -8.90 -19.71
CA SER B 168 -7.45 -7.86 -19.70
C SER B 168 -8.66 -8.42 -18.97
N GLY B 169 -9.27 -7.49 -18.25
CA GLY B 169 -10.43 -7.76 -17.43
C GLY B 169 -10.08 -8.61 -16.22
N VAL B 170 -8.85 -8.50 -15.68
CA VAL B 170 -8.47 -9.24 -14.48
C VAL B 170 -8.44 -8.24 -13.31
N HIS B 171 -8.71 -8.70 -12.09
CA HIS B 171 -8.55 -7.86 -10.90
C HIS B 171 -7.92 -8.72 -9.84
N THR B 172 -6.72 -8.34 -9.43
CA THR B 172 -6.12 -9.06 -8.33
C THR B 172 -6.07 -8.01 -7.24
N PHE B 173 -6.85 -8.48 -6.28
CA PHE B 173 -7.06 -7.74 -5.08
C PHE B 173 -5.90 -8.06 -4.17
N PRO B 174 -5.38 -7.02 -3.49
CA PRO B 174 -4.33 -7.12 -2.49
C PRO B 174 -4.61 -8.19 -1.45
N ALA B 175 -3.52 -8.62 -0.83
CA ALA B 175 -3.62 -9.71 0.12
C ALA B 175 -3.98 -9.15 1.47
N VAL B 176 -4.68 -9.87 2.32
CA VAL B 176 -5.03 -9.36 3.61
C VAL B 176 -4.50 -10.44 4.53
N LEU B 177 -3.97 -10.04 5.68
CA LEU B 177 -3.43 -10.97 6.62
C LEU B 177 -4.44 -11.13 7.72
N GLN B 178 -4.53 -12.33 8.22
CA GLN B 178 -5.53 -12.67 9.18
C GLN B 178 -4.90 -13.76 10.05
N SER B 179 -4.51 -13.52 11.31
CA SER B 179 -3.90 -14.56 12.16
C SER B 179 -2.80 -15.37 11.44
N ASP B 180 -1.74 -14.62 11.10
CA ASP B 180 -0.56 -15.18 10.51
C ASP B 180 -0.73 -15.67 9.10
N LEU B 181 -1.93 -15.69 8.49
CA LEU B 181 -2.05 -16.13 7.11
C LEU B 181 -2.66 -15.13 6.14
N TYR B 182 -2.27 -15.20 4.89
CA TYR B 182 -2.79 -14.28 3.90
C TYR B 182 -3.95 -14.85 3.13
N THR B 183 -4.72 -13.98 2.48
CA THR B 183 -5.65 -14.41 1.43
C THR B 183 -5.62 -13.41 0.29
N LEU B 184 -5.63 -13.91 -0.93
CA LEU B 184 -5.63 -13.07 -2.13
C LEU B 184 -6.79 -13.55 -2.98
N SER B 185 -7.38 -12.74 -3.87
CA SER B 185 -8.42 -13.19 -4.77
C SER B 185 -8.34 -12.49 -6.12
N SER B 186 -8.57 -13.18 -7.22
CA SER B 186 -8.53 -12.51 -8.49
C SER B 186 -9.79 -12.78 -9.32
N SER B 187 -10.35 -11.80 -10.06
CA SER B 187 -11.46 -12.04 -10.96
C SER B 187 -10.98 -11.93 -12.40
N VAL B 188 -11.63 -12.62 -13.34
CA VAL B 188 -11.37 -12.40 -14.76
C VAL B 188 -12.76 -12.30 -15.39
N THR B 189 -12.99 -11.38 -16.32
CA THR B 189 -14.29 -11.21 -16.97
C THR B 189 -14.01 -11.40 -18.44
N VAL B 190 -14.55 -12.51 -18.95
CA VAL B 190 -14.42 -12.87 -20.34
C VAL B 190 -15.83 -12.99 -20.92
N THR B 191 -16.03 -12.76 -22.22
CA THR B 191 -17.31 -12.94 -22.89
C THR B 191 -17.83 -14.36 -22.72
N SER B 192 -19.13 -14.58 -22.67
CA SER B 192 -19.73 -15.91 -22.52
C SER B 192 -19.50 -16.90 -23.67
N SER B 193 -18.99 -16.30 -24.74
CA SER B 193 -18.53 -16.99 -25.94
C SER B 193 -17.23 -17.79 -25.65
N THR B 194 -16.47 -17.29 -24.67
CA THR B 194 -15.22 -17.88 -24.29
C THR B 194 -15.35 -19.01 -23.32
N TRP B 195 -15.78 -18.73 -22.11
CA TRP B 195 -15.83 -19.80 -21.15
C TRP B 195 -17.24 -20.30 -21.28
N PRO B 196 -17.60 -21.58 -21.39
CA PRO B 196 -16.75 -22.74 -21.05
C PRO B 196 -15.97 -23.44 -22.14
N SER B 197 -16.22 -22.98 -23.37
CA SER B 197 -15.66 -23.56 -24.59
C SER B 197 -14.16 -23.64 -24.37
N GLN B 198 -13.60 -22.46 -24.14
CA GLN B 198 -12.20 -22.25 -23.84
C GLN B 198 -12.05 -22.60 -22.37
N SER B 199 -10.98 -23.31 -22.03
CA SER B 199 -10.69 -23.56 -20.63
C SER B 199 -10.05 -22.28 -20.08
N ILE B 200 -10.40 -21.82 -18.88
CA ILE B 200 -9.65 -20.70 -18.30
C ILE B 200 -9.05 -21.33 -17.07
N THR B 201 -7.75 -21.15 -16.95
CA THR B 201 -7.00 -21.70 -15.87
C THR B 201 -6.38 -20.54 -15.14
N CYS B 202 -6.34 -20.84 -13.86
CA CYS B 202 -5.86 -19.96 -12.83
C CYS B 202 -4.57 -20.54 -12.36
N ASN B 203 -3.49 -19.81 -12.46
CA ASN B 203 -2.22 -20.36 -12.03
C ASN B 203 -1.55 -19.47 -11.03
N VAL B 204 -1.13 -20.13 -9.97
CA VAL B 204 -0.59 -19.52 -8.77
C VAL B 204 0.73 -20.15 -8.38
N ALA B 205 1.78 -19.33 -8.39
CA ALA B 205 3.08 -19.81 -7.91
C ALA B 205 3.34 -19.02 -6.64
N HIS B 206 3.73 -19.76 -5.60
CA HIS B 206 4.06 -19.20 -4.29
C HIS B 206 5.53 -19.50 -4.07
N PRO B 207 6.42 -18.67 -4.64
CA PRO B 207 7.83 -18.97 -4.80
C PRO B 207 8.38 -19.44 -3.47
N ALA B 208 8.11 -18.64 -2.44
CA ALA B 208 8.51 -18.90 -1.08
C ALA B 208 8.20 -20.27 -0.50
N SER B 209 7.49 -21.22 -1.12
CA SER B 209 7.36 -22.53 -0.53
C SER B 209 7.40 -23.59 -1.59
N SER B 210 7.80 -23.21 -2.82
CA SER B 210 7.93 -24.09 -3.97
C SER B 210 6.61 -24.75 -4.32
N THR B 211 5.62 -23.87 -4.47
CA THR B 211 4.26 -24.22 -4.83
C THR B 211 3.93 -23.58 -6.17
N LYS B 212 3.53 -24.40 -7.11
CA LYS B 212 3.05 -23.90 -8.36
C LYS B 212 1.85 -24.82 -8.44
N VAL B 213 0.69 -24.17 -8.58
CA VAL B 213 -0.60 -24.83 -8.69
C VAL B 213 -1.31 -24.18 -9.88
N ASP B 214 -2.02 -25.06 -10.59
CA ASP B 214 -2.82 -24.72 -11.74
C ASP B 214 -4.22 -25.34 -11.59
N LYS B 215 -5.21 -24.43 -11.57
CA LYS B 215 -6.61 -24.75 -11.39
C LYS B 215 -7.45 -24.40 -12.60
N LYS B 216 -8.05 -25.42 -13.21
CA LYS B 216 -8.96 -25.23 -14.34
C LYS B 216 -10.27 -24.75 -13.72
N ILE B 217 -10.84 -23.62 -14.13
CA ILE B 217 -12.18 -23.20 -13.71
C ILE B 217 -13.24 -24.11 -14.41
N GLU B 218 -13.56 -25.19 -13.70
CA GLU B 218 -14.49 -26.19 -14.21
C GLU B 218 -15.88 -25.90 -13.73
N PRO B 219 -16.89 -25.83 -14.61
CA PRO B 219 -18.28 -25.76 -14.23
C PRO B 219 -18.85 -27.03 -13.64
N ARG B 220 -18.37 -28.15 -14.19
CA ARG B 220 -18.78 -29.55 -13.98
C ARG B 220 -17.58 -30.40 -14.45
C ACE C 1 33.15 17.31 11.43
O ACE C 1 32.27 17.53 10.59
CH3 ACE C 1 34.57 17.83 11.26
N ASP C 2 32.95 16.56 12.51
CA ASP C 2 31.65 16.04 12.85
C ASP C 2 30.82 17.27 13.20
N VAL C 3 29.59 17.30 12.69
CA VAL C 3 28.69 18.40 12.91
C VAL C 3 27.34 17.84 13.23
N PRO C 4 26.60 18.55 14.11
CA PRO C 4 25.25 18.22 14.54
C PRO C 4 24.27 18.35 13.40
N ASP C 5 23.10 17.76 13.60
CA ASP C 5 22.09 17.88 12.60
C ASP C 5 21.39 19.19 12.87
N TYR C 6 21.10 20.03 11.86
CA TYR C 6 20.33 21.26 12.00
C TYR C 6 19.00 21.05 12.70
N ALA C 7 18.46 19.84 12.63
CA ALA C 7 17.24 19.53 13.34
C ALA C 7 17.48 19.11 14.78
N SER C 8 18.67 19.28 15.33
CA SER C 8 18.99 18.92 16.72
C SER C 8 18.92 20.29 17.38
N LEU C 9 17.71 20.69 17.80
CA LEU C 9 17.58 22.00 18.41
C LEU C 9 17.88 22.16 19.90
N NH2 C 10 17.34 21.20 20.65
#